data_5AGE
#
_entry.id   5AGE
#
_cell.length_a   48.024
_cell.length_b   90.165
_cell.length_c   52.966
_cell.angle_alpha   90.00
_cell.angle_beta   113.78
_cell.angle_gamma   90.00
#
_symmetry.space_group_name_H-M   'P 1 21 1'
#
loop_
_entity.id
_entity.type
_entity.pdbx_description
1 polymer 'GLYCYLPEPTIDE N-TETRADECANOYLTRANSFERASE'
2 non-polymer 4-[(5-methyl-1,2-oxazol-3-yl)methyl]-7-[4-(1-methylpiperidin-4-yl)butyl]-2H-1,4-benzoxazin-3(4H)-one
3 non-polymer TETRADECANOYL-COA
4 water water
#
_entity_poly.entity_id   1
_entity_poly.type   'polypeptide(L)'
_entity_poly.pdbx_seq_one_letter_code
;MGSSHHHHHHSSGRENLYFQGPSNSDAAHAFWSTQPVPQTEDETEKIVFAGPMDEPKTVADIPEEPYPIASTFEWWTPNM
EAADDIHAIYELLRDNYVEDDDSMFRFNYSEEFLQWALCPPNYIPDWHVAVRRKADKKLLAFIAGVPVTLRMGTPKYMKV
KAQEKGEGEEAAKYDEPRHICEINFLCVHKQLREKRLAPILIKEATRRVNRTNVWQAVYTAGVLLPTPYASGQYFHRSLN
PEKLVEIRFSGIPAQYQKFQNPMAMLKRNYQLPSAPKNSGLREMKPSDVPQVRRILMNYLDSFDVGPVFSDAEISHYLLP
RDGVVFTYVVENDKKVTDFFSFYRIPSTVIGNSNYNLLNAAYVHYYAATSIPLHQLILDLLIVAHSRGFDVCNMVEILDN
RSFVEQLKFGAGDGHLRYYFYNWAYPKIKPSQVALVML
;
_entity_poly.pdbx_strand_id   A
#
loop_
_chem_comp.id
_chem_comp.type
_chem_comp.name
_chem_comp.formula
M9M non-polymer 4-[(5-methyl-1,2-oxazol-3-yl)methyl]-7-[4-(1-methylpiperidin-4-yl)butyl]-2H-1,4-benzoxazin-3(4H)-one 'C23 H31 N3 O3'
MYA non-polymer TETRADECANOYL-COA 'C35 H62 N7 O17 P3 S'
#
# COMPACT_ATOMS: atom_id res chain seq x y z
N ALA A 28 23.36 -0.52 14.74
CA ALA A 28 23.85 -0.16 13.39
C ALA A 28 22.97 -0.85 12.34
N HIS A 29 23.29 -0.61 11.09
CA HIS A 29 22.59 -1.28 10.04
C HIS A 29 23.63 -1.83 9.08
N ALA A 30 24.15 -3.03 9.37
CA ALA A 30 25.19 -3.62 8.51
C ALA A 30 24.78 -3.61 7.02
N PHE A 31 23.47 -3.74 6.71
CA PHE A 31 23.02 -3.69 5.29
C PHE A 31 22.66 -2.27 4.86
N TRP A 32 21.74 -1.62 5.57
CA TRP A 32 21.18 -0.33 5.15
C TRP A 32 22.23 0.77 5.05
N SER A 33 23.29 0.67 5.87
CA SER A 33 24.42 1.63 5.83
C SER A 33 25.15 1.56 4.45
N THR A 34 24.98 0.48 3.71
CA THR A 34 25.72 0.37 2.44
C THR A 34 24.85 0.80 1.23
N GLN A 35 23.61 1.26 1.52
CA GLN A 35 22.53 1.45 0.51
C GLN A 35 22.38 2.91 0.21
N PRO A 36 21.92 3.25 -1.03
CA PRO A 36 21.81 4.71 -1.29
C PRO A 36 20.48 5.34 -0.84
N VAL A 37 20.38 5.55 0.48
CA VAL A 37 19.25 6.10 1.23
C VAL A 37 19.82 6.99 2.33
N PRO A 38 19.05 8.03 2.72
CA PRO A 38 19.50 8.89 3.84
C PRO A 38 19.65 8.00 5.08
N GLN A 39 20.64 8.31 5.90
CA GLN A 39 21.02 7.34 6.93
C GLN A 39 20.39 7.61 8.30
N THR A 40 20.04 8.88 8.55
CA THR A 40 19.43 9.29 9.82
C THR A 40 18.30 10.27 9.59
N GLU A 41 17.47 10.49 10.63
CA GLU A 41 16.46 11.58 10.62
C GLU A 41 17.08 12.93 10.37
N ASP A 42 18.23 13.18 11.00
CA ASP A 42 18.94 14.46 10.83
C ASP A 42 19.31 14.73 9.36
N GLU A 43 19.79 13.71 8.66
CA GLU A 43 20.12 13.85 7.23
C GLU A 43 18.86 14.27 6.44
N THR A 44 17.71 13.63 6.71
CA THR A 44 16.52 13.94 5.90
C THR A 44 15.86 15.26 6.27
N GLU A 45 16.02 15.81 7.60
CA GLU A 45 15.67 17.15 8.00
C GLU A 45 16.35 18.18 7.08
N LYS A 46 17.53 17.82 6.57
CA LYS A 46 18.43 18.67 5.72
C LYS A 46 18.11 18.70 4.23
N ILE A 47 17.54 17.61 3.70
CA ILE A 47 17.31 17.49 2.23
C ILE A 47 16.36 18.58 1.80
N VAL A 48 16.74 19.28 0.74
CA VAL A 48 15.96 20.40 0.33
C VAL A 48 15.41 20.18 -1.08
N PHE A 49 16.06 19.33 -1.89
CA PHE A 49 15.58 19.13 -3.25
C PHE A 49 15.38 17.65 -3.51
N ALA A 50 14.41 17.28 -4.35
CA ALA A 50 14.34 15.89 -4.81
C ALA A 50 15.48 15.61 -5.81
N GLY A 51 16.11 14.47 -5.64
CA GLY A 51 17.05 13.97 -6.64
C GLY A 51 17.71 12.65 -6.25
N PRO A 52 18.51 12.09 -7.16
CA PRO A 52 19.17 10.79 -6.94
C PRO A 52 20.21 10.87 -5.80
N MET A 53 20.41 9.80 -5.02
CA MET A 53 21.53 9.77 -4.03
C MET A 53 22.86 9.29 -4.64
N ASP A 54 22.78 8.29 -5.51
CA ASP A 54 23.87 7.40 -5.88
C ASP A 54 24.64 7.88 -7.08
N GLU A 55 25.74 7.16 -7.36
CA GLU A 55 26.53 7.38 -8.58
C GLU A 55 25.62 7.17 -9.79
N PRO A 56 25.61 8.09 -10.77
CA PRO A 56 24.86 7.74 -11.96
C PRO A 56 25.50 6.50 -12.61
N LYS A 57 24.68 5.54 -13.02
CA LYS A 57 25.20 4.30 -13.57
C LYS A 57 24.44 3.97 -14.83
N THR A 58 24.88 2.95 -15.54
CA THR A 58 24.24 2.45 -16.76
C THR A 58 23.90 1.01 -16.57
N VAL A 59 23.03 0.49 -17.43
CA VAL A 59 22.65 -0.93 -17.40
C VAL A 59 23.89 -1.79 -17.51
N ALA A 60 24.74 -1.41 -18.48
CA ALA A 60 26.05 -2.01 -18.78
C ALA A 60 26.92 -2.20 -17.48
N ASP A 61 26.80 -1.31 -16.49
CA ASP A 61 27.60 -1.44 -15.26
C ASP A 61 27.08 -2.53 -14.36
N ILE A 62 25.86 -3.00 -14.58
CA ILE A 62 25.18 -3.84 -13.58
C ILE A 62 25.42 -5.30 -13.93
N PRO A 63 25.72 -6.18 -12.95
CA PRO A 63 26.02 -7.57 -13.26
C PRO A 63 24.90 -8.23 -14.07
N GLU A 64 25.29 -8.98 -15.09
CA GLU A 64 24.31 -9.74 -15.86
C GLU A 64 23.81 -10.97 -15.05
N GLU A 65 24.60 -11.44 -14.09
CA GLU A 65 24.23 -12.70 -13.38
C GLU A 65 23.59 -12.51 -11.99
N PRO A 66 22.63 -13.39 -11.60
CA PRO A 66 21.97 -13.16 -10.32
C PRO A 66 23.02 -13.13 -9.21
N TYR A 67 22.70 -12.38 -8.18
CA TYR A 67 23.51 -12.31 -7.02
C TYR A 67 23.79 -13.72 -6.44
N PRO A 68 25.02 -13.95 -5.99
CA PRO A 68 25.38 -15.24 -5.39
C PRO A 68 24.47 -15.58 -4.21
N ILE A 69 24.15 -16.86 -4.05
CA ILE A 69 23.45 -17.37 -2.86
C ILE A 69 23.95 -18.79 -2.56
N ALA A 70 23.79 -19.24 -1.31
CA ALA A 70 24.24 -20.59 -0.86
C ALA A 70 23.88 -21.67 -1.90
N SER A 71 24.76 -22.66 -2.10
CA SER A 71 24.49 -23.74 -3.03
C SER A 71 23.20 -24.54 -2.77
N THR A 72 22.61 -24.45 -1.57
CA THR A 72 21.46 -25.29 -1.18
C THR A 72 20.17 -24.60 -1.60
N PHE A 73 20.31 -23.35 -2.10
CA PHE A 73 19.23 -22.51 -2.61
C PHE A 73 19.36 -22.20 -4.09
N GLU A 74 18.25 -21.76 -4.66
CA GLU A 74 18.17 -21.24 -6.03
C GLU A 74 17.18 -20.08 -6.13
N TRP A 75 17.47 -19.18 -7.03
CA TRP A 75 16.55 -18.15 -7.53
C TRP A 75 15.52 -18.77 -8.42
N TRP A 76 14.27 -18.33 -8.23
CA TRP A 76 13.13 -18.78 -9.01
C TRP A 76 12.23 -17.56 -9.29
N THR A 77 11.84 -17.40 -10.55
CA THR A 77 10.92 -16.39 -11.03
C THR A 77 9.55 -17.05 -11.23
N PRO A 78 8.67 -16.93 -10.22
CA PRO A 78 7.33 -17.46 -10.39
C PRO A 78 6.65 -16.74 -11.53
N ASN A 79 5.72 -17.46 -12.19
CA ASN A 79 4.79 -16.86 -13.12
C ASN A 79 3.49 -16.48 -12.40
N MET A 80 3.40 -15.18 -12.09
CA MET A 80 2.36 -14.69 -11.20
C MET A 80 1.03 -14.56 -11.93
N GLU A 81 0.98 -15.06 -13.17
CA GLU A 81 -0.29 -15.30 -13.84
C GLU A 81 -0.66 -16.78 -13.96
N ALA A 82 0.26 -17.71 -13.60
CA ALA A 82 0.01 -19.18 -13.50
C ALA A 82 -0.63 -19.54 -12.14
N ALA A 83 -1.85 -20.08 -12.16
CA ALA A 83 -2.55 -20.42 -10.88
C ALA A 83 -1.71 -21.13 -9.82
N ASP A 84 -0.89 -22.10 -10.24
CA ASP A 84 -0.19 -22.88 -9.27
C ASP A 84 1.02 -22.12 -8.69
N ASP A 85 1.63 -21.25 -9.50
CA ASP A 85 2.74 -20.41 -9.03
C ASP A 85 2.15 -19.37 -8.08
N ILE A 86 1.00 -18.80 -8.45
CA ILE A 86 0.30 -17.90 -7.50
C ILE A 86 0.03 -18.62 -6.21
N HIS A 87 -0.46 -19.88 -6.28
CA HIS A 87 -0.76 -20.68 -5.04
C HIS A 87 0.44 -20.82 -4.07
N ALA A 88 1.61 -21.12 -4.63
CA ALA A 88 2.83 -21.29 -3.89
C ALA A 88 3.25 -20.02 -3.11
N ILE A 89 3.26 -18.86 -3.78
CA ILE A 89 3.51 -17.57 -3.16
C ILE A 89 2.43 -17.27 -2.13
N TYR A 90 1.18 -17.63 -2.45
CA TYR A 90 0.06 -17.48 -1.54
C TYR A 90 0.32 -18.22 -0.23
N GLU A 91 0.91 -19.41 -0.34
CA GLU A 91 1.10 -20.22 0.87
C GLU A 91 2.18 -19.62 1.72
N LEU A 92 3.28 -19.24 1.08
CA LEU A 92 4.37 -18.65 1.78
C LEU A 92 3.89 -17.40 2.55
N LEU A 93 3.11 -16.56 1.92
CA LEU A 93 2.62 -15.32 2.59
C LEU A 93 1.62 -15.63 3.68
N ARG A 94 0.73 -16.57 3.38
CA ARG A 94 -0.31 -16.99 4.36
C ARG A 94 0.38 -17.44 5.65
N ASP A 95 1.48 -18.15 5.53
CA ASP A 95 2.10 -18.73 6.70
C ASP A 95 3.20 -17.88 7.36
N ASN A 96 3.72 -16.91 6.59
CA ASN A 96 4.98 -16.23 6.98
C ASN A 96 5.05 -14.71 6.81
N TYR A 97 3.94 -14.06 6.41
CA TYR A 97 3.99 -12.65 6.07
C TYR A 97 3.68 -11.84 7.31
N VAL A 98 3.34 -10.57 7.16
CA VAL A 98 3.12 -9.66 8.31
C VAL A 98 2.03 -10.09 9.30
N GLU A 99 2.38 -9.98 10.58
CA GLU A 99 1.51 -10.14 11.71
C GLU A 99 1.37 -8.81 12.44
N ASP A 100 0.29 -8.61 13.20
CA ASP A 100 0.14 -7.40 14.04
C ASP A 100 1.17 -7.48 15.16
N ASP A 101 1.27 -6.49 16.04
CA ASP A 101 2.40 -6.57 17.02
C ASP A 101 2.17 -7.66 18.06
N ASP A 102 0.94 -8.11 18.31
CA ASP A 102 0.85 -9.31 19.17
C ASP A 102 0.52 -10.65 18.62
N SER A 103 0.93 -10.79 17.36
CA SER A 103 0.66 -12.00 16.63
C SER A 103 -0.73 -12.58 16.94
N MET A 104 -1.75 -11.76 16.75
CA MET A 104 -3.15 -12.20 16.79
C MET A 104 -3.69 -12.37 15.35
N PHE A 105 -3.09 -11.61 14.42
CA PHE A 105 -3.57 -11.57 13.03
C PHE A 105 -2.42 -11.69 12.07
N ARG A 106 -2.61 -12.37 10.94
CA ARG A 106 -1.57 -12.37 9.93
C ARG A 106 -2.28 -12.14 8.59
N PHE A 107 -1.70 -11.28 7.74
CA PHE A 107 -2.32 -11.01 6.45
C PHE A 107 -2.49 -12.35 5.74
N ASN A 108 -3.64 -12.49 5.07
CA ASN A 108 -3.89 -13.66 4.22
C ASN A 108 -4.36 -13.16 2.86
N TYR A 109 -3.48 -12.40 2.18
CA TYR A 109 -3.79 -11.98 0.80
C TYR A 109 -4.22 -13.15 -0.05
N SER A 110 -5.29 -12.98 -0.84
CA SER A 110 -5.79 -14.09 -1.59
C SER A 110 -4.98 -14.28 -2.88
N GLU A 111 -5.13 -15.47 -3.50
CA GLU A 111 -4.47 -15.72 -4.82
C GLU A 111 -4.91 -14.73 -5.94
N GLU A 112 -6.18 -14.38 -5.97
CA GLU A 112 -6.68 -13.48 -7.01
C GLU A 112 -6.15 -12.07 -6.71
N PHE A 113 -6.08 -11.72 -5.44
CA PHE A 113 -5.50 -10.41 -5.06
C PHE A 113 -4.03 -10.36 -5.52
N LEU A 114 -3.28 -11.45 -5.25
CA LEU A 114 -1.85 -11.48 -5.65
C LEU A 114 -1.66 -11.32 -7.14
N GLN A 115 -2.52 -11.95 -7.95
CA GLN A 115 -2.38 -11.80 -9.41
C GLN A 115 -2.69 -10.36 -9.87
N TRP A 116 -3.72 -9.77 -9.27
CA TRP A 116 -4.07 -8.35 -9.46
C TRP A 116 -2.94 -7.39 -9.05
N ALA A 117 -2.35 -7.57 -7.86
CA ALA A 117 -1.36 -6.61 -7.37
C ALA A 117 -0.04 -6.75 -8.11
N LEU A 118 0.25 -7.97 -8.58
CA LEU A 118 1.61 -8.18 -9.13
C LEU A 118 1.68 -8.11 -10.63
N CYS A 119 0.53 -8.08 -11.28
CA CYS A 119 0.48 -8.08 -12.74
C CYS A 119 -0.28 -6.88 -13.32
N PRO A 120 0.08 -5.69 -12.88
CA PRO A 120 -0.61 -4.56 -13.56
C PRO A 120 -0.08 -4.36 -15.00
N PRO A 121 -0.68 -3.41 -15.76
CA PRO A 121 -0.25 -3.20 -17.13
C PRO A 121 1.29 -3.02 -17.23
N ASN A 122 1.93 -3.67 -18.21
CA ASN A 122 3.37 -3.50 -18.43
C ASN A 122 4.24 -3.97 -17.24
N TYR A 123 3.70 -4.84 -16.37
CA TYR A 123 4.56 -5.45 -15.33
C TYR A 123 5.73 -6.28 -15.97
N ILE A 124 6.82 -6.34 -15.23
CA ILE A 124 8.01 -7.06 -15.65
C ILE A 124 8.04 -8.37 -14.85
N PRO A 125 7.79 -9.53 -15.54
CA PRO A 125 7.83 -10.79 -14.78
C PRO A 125 9.14 -11.01 -13.93
N ASP A 126 10.26 -10.53 -14.44
CA ASP A 126 11.56 -10.68 -13.80
C ASP A 126 11.61 -10.01 -12.44
N TRP A 127 10.77 -9.00 -12.23
CA TRP A 127 10.79 -8.28 -10.95
C TRP A 127 10.14 -9.04 -9.83
N HIS A 128 9.66 -10.25 -10.12
CA HIS A 128 9.06 -11.10 -9.10
C HIS A 128 10.06 -12.16 -8.74
N VAL A 129 10.62 -12.02 -7.53
CA VAL A 129 11.85 -12.69 -7.26
C VAL A 129 11.61 -13.64 -6.09
N ALA A 130 11.79 -14.92 -6.32
CA ALA A 130 11.67 -15.92 -5.27
C ALA A 130 12.97 -16.69 -5.03
N VAL A 131 13.06 -17.27 -3.81
CA VAL A 131 14.13 -18.17 -3.42
C VAL A 131 13.48 -19.49 -3.00
N ARG A 132 13.98 -20.58 -3.57
CA ARG A 132 13.63 -21.91 -3.09
C ARG A 132 14.81 -22.85 -2.77
N ARG A 133 14.51 -23.89 -2.04
CA ARG A 133 15.51 -24.84 -1.65
C ARG A 133 15.68 -25.67 -2.88
N LYS A 134 16.92 -25.79 -3.35
CA LYS A 134 17.25 -26.48 -4.57
C LYS A 134 16.80 -27.94 -4.52
N ALA A 135 17.13 -28.60 -3.43
CA ALA A 135 16.80 -30.02 -3.29
C ALA A 135 15.30 -30.33 -3.63
N ASP A 136 14.37 -29.72 -2.89
CA ASP A 136 12.96 -30.16 -2.90
C ASP A 136 12.02 -29.10 -3.42
N LYS A 137 12.59 -28.07 -4.04
CA LYS A 137 11.88 -26.86 -4.44
C LYS A 137 10.96 -26.22 -3.35
N LYS A 138 11.21 -26.48 -2.07
CA LYS A 138 10.50 -25.75 -0.99
C LYS A 138 10.70 -24.24 -1.08
N LEU A 139 9.58 -23.51 -1.15
CA LEU A 139 9.57 -22.06 -1.27
C LEU A 139 9.97 -21.42 0.03
N LEU A 140 10.98 -20.51 -0.03
CA LEU A 140 11.66 -19.98 1.19
C LEU A 140 11.58 -18.47 1.34
N ALA A 141 11.40 -17.72 0.25
CA ALA A 141 11.41 -16.26 0.43
C ALA A 141 10.85 -15.64 -0.84
N PHE A 142 10.49 -14.36 -0.77
CA PHE A 142 9.93 -13.74 -1.98
C PHE A 142 10.13 -12.27 -1.84
N ILE A 143 10.19 -11.52 -2.96
CA ILE A 143 10.08 -10.07 -2.89
C ILE A 143 9.52 -9.63 -4.25
N ALA A 144 8.65 -8.63 -4.31
CA ALA A 144 8.08 -8.29 -5.63
C ALA A 144 8.26 -6.81 -6.00
N GLY A 145 8.61 -6.53 -7.28
CA GLY A 145 8.63 -5.17 -7.78
C GLY A 145 7.58 -5.06 -8.88
N VAL A 146 6.90 -3.90 -8.95
CA VAL A 146 6.03 -3.66 -10.05
C VAL A 146 6.31 -2.23 -10.52
N PRO A 147 6.02 -1.93 -11.80
CA PRO A 147 6.34 -0.60 -12.19
C PRO A 147 5.25 0.35 -11.72
N VAL A 148 5.64 1.60 -11.51
CA VAL A 148 4.72 2.68 -11.25
C VAL A 148 5.39 4.00 -11.76
N THR A 149 4.55 4.83 -12.35
CA THR A 149 4.93 6.16 -12.80
C THR A 149 4.54 7.07 -11.64
N LEU A 150 5.53 7.71 -11.03
CA LEU A 150 5.26 8.45 -9.82
C LEU A 150 5.78 9.88 -9.94
N ARG A 151 4.94 10.84 -9.54
CA ARG A 151 5.41 12.18 -9.30
C ARG A 151 6.18 12.26 -8.00
N MET A 152 7.44 12.71 -8.07
CA MET A 152 8.35 12.67 -6.94
C MET A 152 9.37 13.83 -6.96
N GLY A 153 8.98 14.95 -7.58
CA GLY A 153 9.79 16.18 -7.53
C GLY A 153 9.64 16.87 -6.19
N THR A 154 10.52 17.83 -5.96
CA THR A 154 10.55 18.64 -4.76
C THR A 154 9.16 19.04 -4.28
N PRO A 155 8.88 18.80 -3.01
CA PRO A 155 7.53 19.09 -2.54
C PRO A 155 7.23 20.61 -2.56
N LYS A 156 5.94 20.96 -2.53
CA LYS A 156 5.54 22.39 -2.62
C LYS A 156 6.24 23.30 -1.63
N TYR A 157 6.28 22.92 -0.34
CA TYR A 157 6.86 23.80 0.65
C TYR A 157 8.33 24.06 0.39
N MET A 158 9.06 23.07 -0.11
CA MET A 158 10.48 23.26 -0.39
C MET A 158 10.71 24.08 -1.66
N LYS A 159 9.82 23.97 -2.64
CA LYS A 159 9.91 24.84 -3.84
C LYS A 159 9.74 26.33 -3.53
N VAL A 160 8.94 26.66 -2.53
CA VAL A 160 8.71 28.03 -2.13
C VAL A 160 10.03 28.56 -1.55
N LYS A 161 10.63 27.78 -0.65
CA LYS A 161 11.98 28.13 -0.14
C LYS A 161 13.00 28.26 -1.29
N ALA A 162 13.00 27.30 -2.21
CA ALA A 162 13.90 27.36 -3.39
C ALA A 162 13.81 28.65 -4.18
N GLN A 163 12.58 29.05 -4.44
CA GLN A 163 12.32 30.24 -5.19
C GLN A 163 12.77 31.47 -4.42
N GLU A 164 12.55 31.50 -3.09
CA GLU A 164 13.08 32.58 -2.22
C GLU A 164 14.61 32.69 -2.45
N LYS A 165 15.32 31.56 -2.52
CA LYS A 165 16.76 31.53 -2.62
C LYS A 165 17.33 31.56 -4.06
N GLY A 166 16.45 31.74 -5.04
CA GLY A 166 16.88 31.77 -6.51
C GLY A 166 17.32 30.43 -7.07
N GLU A 167 16.78 29.38 -6.47
CA GLU A 167 17.17 27.98 -6.75
C GLU A 167 16.03 27.14 -7.39
N GLY A 168 15.01 27.84 -7.84
CA GLY A 168 13.85 27.34 -8.60
C GLY A 168 14.22 26.25 -9.56
N GLU A 169 15.35 26.43 -10.24
CA GLU A 169 15.78 25.45 -11.27
C GLU A 169 16.21 24.10 -10.70
N GLU A 170 17.13 24.11 -9.77
CA GLU A 170 17.48 22.92 -9.03
C GLU A 170 16.23 22.22 -8.43
N ALA A 171 15.30 23.00 -7.88
CA ALA A 171 14.14 22.44 -7.24
C ALA A 171 13.18 21.74 -8.16
N ALA A 172 13.04 22.22 -9.43
CA ALA A 172 12.13 21.64 -10.46
C ALA A 172 12.76 20.57 -11.33
N LYS A 173 14.06 20.38 -11.22
CA LYS A 173 14.79 19.47 -12.10
C LYS A 173 14.10 18.10 -12.32
N TYR A 174 13.60 17.50 -11.22
CA TYR A 174 13.10 16.12 -11.28
C TYR A 174 11.59 16.04 -11.14
N ASP A 175 10.93 17.06 -11.67
CA ASP A 175 9.49 17.17 -11.52
C ASP A 175 8.73 16.24 -12.44
N GLU A 176 9.34 15.86 -13.56
CA GLU A 176 8.63 14.98 -14.51
C GLU A 176 8.37 13.62 -13.80
N PRO A 177 7.13 13.11 -13.93
CA PRO A 177 6.73 11.78 -13.41
C PRO A 177 7.77 10.74 -13.84
N ARG A 178 8.23 9.91 -12.90
CA ARG A 178 9.30 8.97 -13.20
C ARG A 178 8.76 7.53 -13.22
N HIS A 179 9.29 6.72 -14.13
CA HIS A 179 8.95 5.32 -14.26
C HIS A 179 9.87 4.56 -13.33
N ILE A 180 9.36 4.23 -12.15
CA ILE A 180 10.19 3.60 -11.16
C ILE A 180 9.62 2.25 -10.76
N CYS A 181 10.17 1.66 -9.71
CA CYS A 181 9.74 0.36 -9.16
C CYS A 181 9.02 0.54 -7.79
N GLU A 182 7.94 -0.20 -7.58
CA GLU A 182 7.28 -0.18 -6.32
C GLU A 182 7.52 -1.57 -5.74
N ILE A 183 8.15 -1.67 -4.58
CA ILE A 183 8.46 -3.00 -3.98
C ILE A 183 7.47 -3.31 -2.84
N ASN A 184 7.06 -4.57 -2.75
CA ASN A 184 6.10 -5.02 -1.75
C ASN A 184 6.32 -6.54 -1.61
N PHE A 185 5.72 -7.12 -0.57
CA PHE A 185 5.64 -8.57 -0.41
C PHE A 185 6.95 -9.29 -0.06
N LEU A 186 7.90 -8.54 0.52
CA LEU A 186 9.15 -9.14 0.97
C LEU A 186 8.78 -10.10 2.10
N CYS A 187 9.33 -11.31 2.07
CA CYS A 187 8.90 -12.29 3.03
C CYS A 187 9.93 -13.37 3.12
N VAL A 188 10.48 -13.57 4.29
CA VAL A 188 11.35 -14.69 4.50
C VAL A 188 10.58 -15.69 5.42
N HIS A 189 10.64 -16.95 5.06
CA HIS A 189 10.11 -18.06 5.86
C HIS A 189 10.55 -17.99 7.31
N LYS A 190 9.61 -18.27 8.20
CA LYS A 190 9.87 -18.24 9.67
C LYS A 190 11.06 -19.07 10.10
N GLN A 191 11.33 -20.15 9.38
CA GLN A 191 12.55 -20.93 9.67
C GLN A 191 13.87 -20.30 9.30
N LEU A 192 13.82 -19.26 8.50
CA LEU A 192 15.01 -18.75 7.88
C LEU A 192 15.26 -17.34 8.35
N ARG A 193 14.64 -16.94 9.46
CA ARG A 193 14.77 -15.55 9.95
C ARG A 193 16.15 -15.29 10.57
N GLU A 194 16.62 -14.06 10.41
CA GLU A 194 17.86 -13.62 11.01
C GLU A 194 19.06 -14.37 10.45
N LYS A 195 18.99 -14.76 9.20
CA LYS A 195 20.10 -15.41 8.53
C LYS A 195 20.63 -14.49 7.40
N ARG A 196 20.27 -13.23 7.45
CA ARG A 196 20.71 -12.24 6.47
C ARG A 196 20.23 -12.54 5.09
N LEU A 197 19.10 -13.23 5.01
CA LEU A 197 18.52 -13.50 3.70
C LEU A 197 17.85 -12.27 3.01
N ALA A 198 17.20 -11.43 3.81
CA ALA A 198 16.46 -10.31 3.24
C ALA A 198 17.39 -9.34 2.45
N PRO A 199 18.60 -9.04 2.98
CA PRO A 199 19.53 -8.25 2.19
C PRO A 199 19.78 -8.81 0.77
N ILE A 200 19.92 -10.13 0.68
CA ILE A 200 20.18 -10.83 -0.59
C ILE A 200 19.00 -10.63 -1.57
N LEU A 201 17.79 -10.85 -1.07
CA LEU A 201 16.57 -10.55 -1.87
C LEU A 201 16.57 -9.10 -2.31
N ILE A 202 16.83 -8.17 -1.41
CA ILE A 202 16.86 -6.77 -1.80
C ILE A 202 17.92 -6.45 -2.88
N LYS A 203 19.16 -6.96 -2.69
CA LYS A 203 20.22 -6.89 -3.70
C LYS A 203 19.82 -7.45 -5.06
N GLU A 204 19.27 -8.67 -5.09
CA GLU A 204 18.84 -9.28 -6.37
C GLU A 204 17.67 -8.52 -7.01
N ALA A 205 16.72 -8.09 -6.18
CA ALA A 205 15.67 -7.20 -6.67
C ALA A 205 16.28 -5.92 -7.26
N THR A 206 17.17 -5.26 -6.51
CA THR A 206 17.79 -4.04 -7.04
C THR A 206 18.50 -4.33 -8.41
N ARG A 207 19.19 -5.47 -8.49
CA ARG A 207 19.92 -5.82 -9.73
C ARG A 207 18.96 -5.92 -10.93
N ARG A 208 17.91 -6.74 -10.77
CA ARG A 208 16.92 -6.92 -11.88
C ARG A 208 16.26 -5.64 -12.35
N VAL A 209 15.95 -4.77 -11.40
CA VAL A 209 15.39 -3.44 -11.70
C VAL A 209 16.41 -2.52 -12.43
N ASN A 210 17.61 -2.45 -11.92
CA ASN A 210 18.64 -1.66 -12.58
C ASN A 210 18.86 -2.13 -14.03
N ARG A 211 18.87 -3.45 -14.24
CA ARG A 211 19.09 -4.03 -15.56
C ARG A 211 17.95 -3.59 -16.50
N THR A 212 16.83 -3.11 -15.96
CA THR A 212 15.70 -2.55 -16.80
C THR A 212 15.85 -1.02 -16.95
N ASN A 213 16.95 -0.48 -16.40
CA ASN A 213 17.29 0.94 -16.50
C ASN A 213 16.36 1.75 -15.59
N VAL A 214 16.05 1.18 -14.45
CA VAL A 214 15.23 1.90 -13.46
C VAL A 214 16.05 1.96 -12.22
N TRP A 215 16.11 3.15 -11.65
CA TRP A 215 17.10 3.47 -10.62
C TRP A 215 16.51 3.94 -9.29
N GLN A 216 15.19 4.19 -9.25
CA GLN A 216 14.54 4.48 -7.96
C GLN A 216 13.51 3.45 -7.62
N ALA A 217 13.27 3.29 -6.31
CA ALA A 217 12.06 2.53 -5.90
C ALA A 217 11.38 3.24 -4.75
N VAL A 218 10.08 2.98 -4.63
CA VAL A 218 9.31 3.49 -3.50
C VAL A 218 8.82 2.22 -2.81
N TYR A 219 8.84 2.26 -1.48
CA TYR A 219 8.33 1.10 -0.71
C TYR A 219 7.76 1.65 0.60
N THR A 220 6.84 0.89 1.18
CA THR A 220 6.32 1.18 2.51
C THR A 220 6.57 -0.02 3.45
N ALA A 221 6.66 0.25 4.72
CA ALA A 221 6.77 -0.81 5.73
C ALA A 221 6.13 -0.34 7.05
N GLY A 222 5.71 -1.29 7.88
CA GLY A 222 5.20 -0.95 9.21
C GLY A 222 6.32 -0.80 10.24
N VAL A 223 7.57 -1.10 9.87
CA VAL A 223 8.75 -0.92 10.76
C VAL A 223 9.57 0.37 10.37
N LEU A 224 10.32 0.89 11.31
CA LEU A 224 11.18 2.06 11.04
C LEU A 224 12.56 1.63 10.52
N LEU A 225 12.86 2.06 9.28
CA LEU A 225 14.13 1.79 8.59
C LEU A 225 14.75 3.14 8.18
N PRO A 226 16.03 3.13 7.74
CA PRO A 226 16.56 4.37 7.28
C PRO A 226 16.05 4.65 5.80
N THR A 227 15.41 5.78 5.52
CA THR A 227 14.84 6.73 6.47
C THR A 227 13.56 7.24 5.80
N PRO A 228 12.43 7.31 6.57
CA PRO A 228 11.21 7.56 5.82
C PRO A 228 11.11 9.02 5.37
N TYR A 229 10.44 9.26 4.25
CA TYR A 229 10.11 10.64 3.93
C TYR A 229 8.76 11.03 4.51
N ALA A 230 7.91 10.04 4.84
CA ALA A 230 6.60 10.36 5.42
C ALA A 230 6.22 9.13 6.24
N SER A 231 5.34 9.31 7.20
CA SER A 231 4.90 8.27 8.13
C SER A 231 3.47 8.60 8.53
N GLY A 232 2.56 7.62 8.53
CA GLY A 232 1.18 7.99 8.84
C GLY A 232 0.65 6.97 9.86
N GLN A 233 -0.26 7.35 10.77
CA GLN A 233 -0.96 6.30 11.55
C GLN A 233 -1.98 5.56 10.74
N TYR A 234 -2.21 4.33 11.19
CA TYR A 234 -3.37 3.53 10.82
C TYR A 234 -4.66 3.88 11.56
N PHE A 235 -5.81 3.70 10.89
CA PHE A 235 -7.12 4.08 11.40
C PHE A 235 -8.00 2.88 11.09
N HIS A 236 -8.93 2.58 12.01
CA HIS A 236 -9.83 1.42 11.87
C HIS A 236 -11.23 1.84 12.23
N ARG A 237 -12.17 1.40 11.41
CA ARG A 237 -13.60 1.69 11.54
C ARG A 237 -14.27 0.31 11.64
N SER A 238 -14.60 -0.08 12.86
CA SER A 238 -15.41 -1.28 13.13
C SER A 238 -16.72 -1.32 12.33
N LEU A 239 -16.94 -2.45 11.70
CA LEU A 239 -18.18 -2.71 10.98
C LEU A 239 -19.01 -3.82 11.69
N ASN A 240 -18.30 -4.77 12.27
CA ASN A 240 -18.91 -5.88 13.01
C ASN A 240 -18.28 -5.90 14.40
N PRO A 241 -18.71 -4.98 15.26
CA PRO A 241 -17.99 -4.81 16.55
C PRO A 241 -18.04 -6.05 17.45
N GLU A 242 -19.13 -6.82 17.45
CA GLU A 242 -19.19 -8.02 18.31
C GLU A 242 -18.16 -9.09 17.93
N LYS A 243 -18.04 -9.38 16.65
CA LYS A 243 -16.90 -10.16 16.19
C LYS A 243 -15.51 -9.59 16.53
N LEU A 244 -15.31 -8.27 16.40
CA LEU A 244 -13.99 -7.68 16.58
C LEU A 244 -13.60 -7.77 18.04
N VAL A 245 -14.62 -7.68 18.88
CA VAL A 245 -14.40 -7.70 20.32
C VAL A 245 -14.07 -9.13 20.73
N GLU A 246 -14.83 -10.07 20.19
CA GLU A 246 -14.54 -11.50 20.36
C GLU A 246 -13.09 -11.86 20.01
N ILE A 247 -12.69 -11.55 18.77
CA ILE A 247 -11.36 -11.89 18.25
C ILE A 247 -10.26 -10.99 18.77
N ARG A 248 -10.64 -10.00 19.59
CA ARG A 248 -9.69 -9.17 20.37
C ARG A 248 -9.02 -8.08 19.53
N PHE A 249 -9.61 -7.82 18.37
CA PHE A 249 -9.15 -6.74 17.50
C PHE A 249 -9.26 -5.39 18.24
N SER A 250 -10.42 -5.15 18.89
CA SER A 250 -10.70 -3.88 19.57
C SER A 250 -10.67 -3.98 21.09
N GLY A 251 -11.74 -4.56 21.66
CA GLY A 251 -12.01 -4.43 23.10
C GLY A 251 -12.93 -3.28 23.53
N ILE A 252 -13.65 -3.52 24.63
CA ILE A 252 -14.60 -2.58 25.22
C ILE A 252 -13.88 -1.41 25.94
N PRO A 253 -13.83 -0.19 25.31
CA PRO A 253 -13.21 0.95 26.02
C PRO A 253 -13.80 1.14 27.42
N ALA A 254 -12.95 1.06 28.44
CA ALA A 254 -13.41 1.18 29.83
C ALA A 254 -14.41 2.34 30.09
N GLN A 255 -14.64 3.20 29.11
CA GLN A 255 -15.78 4.14 29.20
C GLN A 255 -17.11 3.49 28.76
N TYR A 256 -17.02 2.39 28.02
CA TYR A 256 -18.18 1.52 27.73
C TYR A 256 -18.59 0.67 28.94
N GLN A 257 -17.89 0.87 30.07
CA GLN A 257 -18.16 0.15 31.32
C GLN A 257 -19.08 0.99 32.18
N LYS A 258 -19.13 2.28 31.87
CA LYS A 258 -20.15 3.19 32.42
C LYS A 258 -21.58 2.68 32.15
N PHE A 259 -21.75 1.89 31.09
CA PHE A 259 -23.07 1.48 30.61
C PHE A 259 -23.57 0.16 31.17
N GLN A 260 -24.89 0.07 31.28
CA GLN A 260 -25.57 -1.13 31.75
C GLN A 260 -25.13 -2.33 30.89
N ASN A 261 -25.06 -2.08 29.59
CA ASN A 261 -24.82 -3.13 28.63
C ASN A 261 -23.84 -2.64 27.59
N PRO A 262 -22.55 -2.82 27.89
CA PRO A 262 -21.46 -2.38 27.00
C PRO A 262 -21.64 -2.83 25.53
N MET A 263 -21.85 -4.13 25.30
CA MET A 263 -22.02 -4.62 23.92
C MET A 263 -23.14 -3.94 23.09
N ALA A 264 -24.34 -3.81 23.68
CA ALA A 264 -25.47 -3.20 22.97
C ALA A 264 -25.16 -1.77 22.58
N MET A 265 -24.46 -1.04 23.44
CA MET A 265 -24.05 0.33 23.14
C MET A 265 -23.01 0.40 22.00
N LEU A 266 -22.09 -0.56 22.00
CA LEU A 266 -21.02 -0.63 21.02
C LEU A 266 -21.64 -0.93 19.65
N LYS A 267 -22.57 -1.88 19.59
CA LYS A 267 -23.26 -2.15 18.34
C LYS A 267 -24.01 -0.89 17.83
N ARG A 268 -24.66 -0.16 18.76
CA ARG A 268 -25.40 1.05 18.42
C ARG A 268 -24.50 2.16 17.90
N ASN A 269 -23.36 2.33 18.54
CA ASN A 269 -22.43 3.29 18.08
C ASN A 269 -21.97 3.02 16.65
N TYR A 270 -21.78 1.76 16.27
CA TYR A 270 -21.22 1.45 14.95
C TYR A 270 -22.22 1.06 13.84
N GLN A 271 -23.52 1.14 14.16
CA GLN A 271 -24.57 0.69 13.27
C GLN A 271 -24.51 1.59 12.01
N LEU A 272 -24.82 1.04 10.84
CA LEU A 272 -24.76 1.80 9.56
C LEU A 272 -25.99 1.55 8.79
N PRO A 273 -26.35 2.46 7.86
CA PRO A 273 -27.46 2.20 7.00
C PRO A 273 -27.25 0.90 6.27
N SER A 274 -28.34 0.23 5.92
CA SER A 274 -28.28 -1.05 5.20
C SER A 274 -28.27 -0.84 3.68
N ALA A 275 -28.42 0.39 3.19
CA ALA A 275 -28.36 0.78 1.77
C ALA A 275 -27.66 2.12 1.63
N PRO A 276 -26.92 2.32 0.51
CA PRO A 276 -26.10 3.51 0.30
C PRO A 276 -27.06 4.70 0.19
N LYS A 277 -26.59 5.88 0.50
CA LYS A 277 -27.48 7.04 0.65
C LYS A 277 -27.36 7.96 -0.54
N ASN A 278 -26.23 7.93 -1.26
CA ASN A 278 -26.08 8.80 -2.45
C ASN A 278 -26.83 8.26 -3.64
N SER A 279 -27.77 9.04 -4.16
CA SER A 279 -28.60 8.56 -5.27
C SER A 279 -27.67 8.40 -6.46
N GLY A 280 -27.90 7.35 -7.22
CA GLY A 280 -27.03 7.12 -8.38
C GLY A 280 -25.65 6.53 -8.10
N LEU A 281 -25.38 6.10 -6.86
CA LEU A 281 -24.22 5.27 -6.61
C LEU A 281 -24.42 3.98 -7.35
N ARG A 282 -23.39 3.48 -8.03
CA ARG A 282 -23.41 2.16 -8.69
C ARG A 282 -21.95 1.67 -8.83
N GLU A 283 -21.75 0.40 -9.12
CA GLU A 283 -20.40 -0.07 -9.36
C GLU A 283 -19.86 0.56 -10.62
N MET A 284 -18.55 0.75 -10.64
CA MET A 284 -17.87 1.27 -11.81
C MET A 284 -17.94 0.23 -12.96
N LYS A 285 -18.07 0.74 -14.19
CA LYS A 285 -18.08 -0.06 -15.39
C LYS A 285 -16.90 0.46 -16.32
N PRO A 286 -16.49 -0.38 -17.27
CA PRO A 286 -15.43 -0.04 -18.22
C PRO A 286 -15.61 1.35 -18.86
N SER A 287 -16.81 1.70 -19.26
CA SER A 287 -17.00 3.02 -19.92
C SER A 287 -16.80 4.26 -18.97
N ASP A 288 -16.67 4.01 -17.64
CA ASP A 288 -16.33 5.08 -16.66
C ASP A 288 -14.85 5.40 -16.62
N VAL A 289 -14.02 4.55 -17.20
CA VAL A 289 -12.56 4.68 -17.12
C VAL A 289 -12.06 6.12 -17.39
N PRO A 290 -12.44 6.73 -18.53
CA PRO A 290 -11.84 8.03 -18.84
C PRO A 290 -12.20 9.10 -17.82
N GLN A 291 -13.44 9.13 -17.39
CA GLN A 291 -13.91 10.15 -16.46
C GLN A 291 -13.26 9.93 -15.08
N VAL A 292 -13.14 8.66 -14.66
CA VAL A 292 -12.59 8.38 -13.32
C VAL A 292 -11.10 8.72 -13.37
N ARG A 293 -10.45 8.41 -14.48
CA ARG A 293 -9.07 8.86 -14.71
C ARG A 293 -8.90 10.37 -14.56
N ARG A 294 -9.71 11.12 -15.26
CA ARG A 294 -9.64 12.58 -15.15
C ARG A 294 -9.84 13.07 -13.66
N ILE A 295 -10.95 12.70 -13.04
CA ILE A 295 -11.18 13.22 -11.74
C ILE A 295 -10.16 12.76 -10.72
N LEU A 296 -9.69 11.51 -10.84
CA LEU A 296 -8.65 11.04 -9.92
C LEU A 296 -7.36 11.82 -10.18
N MET A 297 -6.98 11.93 -11.45
CA MET A 297 -5.71 12.62 -11.72
C MET A 297 -5.73 14.11 -11.32
N ASN A 298 -6.86 14.80 -11.53
CA ASN A 298 -7.01 16.18 -11.05
C ASN A 298 -6.76 16.22 -9.57
N TYR A 299 -7.31 15.25 -8.85
CA TYR A 299 -7.23 15.29 -7.39
C TYR A 299 -5.82 14.96 -6.91
N LEU A 300 -5.21 13.89 -7.44
CA LEU A 300 -3.90 13.42 -6.96
C LEU A 300 -2.79 14.38 -7.27
N ASP A 301 -2.95 15.11 -8.37
CA ASP A 301 -2.06 16.22 -8.72
C ASP A 301 -1.83 17.28 -7.61
N SER A 302 -2.76 17.40 -6.68
CA SER A 302 -2.60 18.39 -5.63
C SER A 302 -1.68 17.87 -4.48
N PHE A 303 -1.24 16.61 -4.54
CA PHE A 303 -0.35 16.08 -3.50
C PHE A 303 1.10 16.09 -4.01
N ASP A 304 2.07 16.17 -3.11
CA ASP A 304 3.49 16.18 -3.43
C ASP A 304 4.01 14.91 -4.06
N VAL A 305 3.57 13.76 -3.52
CA VAL A 305 3.94 12.48 -4.05
C VAL A 305 2.65 11.70 -4.40
N GLY A 306 2.61 11.21 -5.65
CA GLY A 306 1.44 10.51 -6.12
C GLY A 306 1.62 9.85 -7.49
N PRO A 307 0.84 8.82 -7.74
CA PRO A 307 1.05 8.06 -8.94
C PRO A 307 0.34 8.78 -10.07
N VAL A 308 0.78 8.50 -11.29
CA VAL A 308 0.14 8.96 -12.51
C VAL A 308 -0.32 7.68 -13.24
N PHE A 309 -1.60 7.62 -13.60
CA PHE A 309 -2.26 6.40 -14.19
C PHE A 309 -2.76 6.64 -15.64
N SER A 310 -2.36 5.74 -16.55
CA SER A 310 -2.98 5.64 -17.88
C SER A 310 -4.41 5.09 -17.68
N ASP A 311 -5.23 5.13 -18.74
CA ASP A 311 -6.51 4.36 -18.78
C ASP A 311 -6.38 2.87 -18.46
N ALA A 312 -5.32 2.21 -18.94
CA ALA A 312 -5.11 0.79 -18.71
C ALA A 312 -4.91 0.50 -17.20
N GLU A 313 -4.19 1.40 -16.52
CA GLU A 313 -3.90 1.27 -15.09
C GLU A 313 -5.13 1.59 -14.28
N ILE A 314 -5.89 2.61 -14.69
CA ILE A 314 -7.21 2.96 -14.09
C ILE A 314 -8.14 1.71 -14.16
N SER A 315 -8.25 1.03 -15.32
CA SER A 315 -9.13 -0.13 -15.40
C SER A 315 -8.57 -1.23 -14.55
N HIS A 316 -7.25 -1.44 -14.61
CA HIS A 316 -6.63 -2.51 -13.84
C HIS A 316 -6.87 -2.38 -12.30
N TYR A 317 -6.51 -1.19 -11.77
CA TYR A 317 -6.50 -0.98 -10.35
C TYR A 317 -7.87 -0.64 -9.81
N LEU A 318 -8.80 -0.13 -10.63
CA LEU A 318 -10.14 0.20 -10.12
C LEU A 318 -11.38 -0.62 -10.59
N LEU A 319 -11.39 -1.18 -11.82
CA LEU A 319 -12.55 -1.96 -12.20
C LEU A 319 -12.79 -3.08 -11.17
N PRO A 320 -14.05 -3.28 -10.77
CA PRO A 320 -14.42 -4.29 -9.74
C PRO A 320 -13.88 -5.71 -10.04
N ARG A 321 -13.38 -6.42 -9.03
CA ARG A 321 -12.98 -7.83 -9.18
C ARG A 321 -13.40 -8.54 -7.96
N ASP A 322 -14.21 -9.60 -8.14
CA ASP A 322 -14.87 -10.33 -7.07
C ASP A 322 -13.84 -10.70 -6.00
N GLY A 323 -14.15 -10.39 -4.75
CA GLY A 323 -13.28 -10.70 -3.60
C GLY A 323 -11.98 -9.89 -3.49
N VAL A 324 -11.75 -8.91 -4.40
CA VAL A 324 -10.43 -8.27 -4.44
C VAL A 324 -10.59 -6.72 -4.33
N VAL A 325 -11.22 -6.13 -5.34
CA VAL A 325 -11.31 -4.67 -5.36
C VAL A 325 -12.75 -4.35 -5.71
N PHE A 326 -13.29 -3.30 -5.09
CA PHE A 326 -14.70 -2.88 -5.17
C PHE A 326 -14.68 -1.36 -5.36
N THR A 327 -15.36 -0.89 -6.41
CA THR A 327 -15.28 0.55 -6.81
C THR A 327 -16.65 0.96 -7.27
N TYR A 328 -17.12 2.09 -6.71
CA TYR A 328 -18.42 2.66 -6.87
C TYR A 328 -18.26 4.10 -7.33
N VAL A 329 -19.11 4.53 -8.24
CA VAL A 329 -19.09 5.87 -8.82
C VAL A 329 -20.44 6.51 -8.49
N VAL A 330 -20.41 7.83 -8.36
CA VAL A 330 -21.62 8.64 -8.28
C VAL A 330 -21.84 9.19 -9.68
N GLU A 331 -22.94 8.76 -10.23
CA GLU A 331 -23.32 9.24 -11.54
C GLU A 331 -24.70 9.78 -11.37
N ASN A 332 -24.84 11.04 -11.76
CA ASN A 332 -26.17 11.56 -12.00
C ASN A 332 -26.12 12.33 -13.31
N ASP A 333 -27.22 12.22 -14.06
CA ASP A 333 -27.28 12.81 -15.39
C ASP A 333 -26.05 12.25 -16.11
N LYS A 334 -25.99 10.91 -16.16
CA LYS A 334 -24.89 10.12 -16.69
C LYS A 334 -23.47 10.74 -16.78
N LYS A 335 -23.10 11.53 -15.76
CA LYS A 335 -21.75 12.09 -15.64
C LYS A 335 -21.15 11.57 -14.33
N VAL A 336 -19.93 11.02 -14.39
CA VAL A 336 -19.27 10.53 -13.16
C VAL A 336 -18.67 11.71 -12.41
N THR A 337 -19.21 12.04 -11.24
CA THR A 337 -18.75 13.22 -10.48
C THR A 337 -17.94 12.81 -9.22
N ASP A 338 -18.02 11.54 -8.83
CA ASP A 338 -17.42 11.07 -7.59
C ASP A 338 -17.21 9.58 -7.70
N PHE A 339 -16.20 9.02 -7.02
CA PHE A 339 -15.99 7.57 -6.95
C PHE A 339 -15.30 7.28 -5.65
N PHE A 340 -15.42 6.05 -5.17
CA PHE A 340 -14.52 5.54 -4.11
C PHE A 340 -14.17 4.09 -4.44
N SER A 341 -13.10 3.57 -3.85
CA SER A 341 -12.74 2.19 -4.08
C SER A 341 -12.16 1.67 -2.75
N PHE A 342 -12.33 0.36 -2.48
CA PHE A 342 -11.64 -0.33 -1.39
C PHE A 342 -11.26 -1.71 -1.86
N TYR A 343 -10.23 -2.28 -1.22
CA TYR A 343 -9.78 -3.60 -1.63
C TYR A 343 -9.78 -4.51 -0.35
N ARG A 344 -9.79 -5.83 -0.55
CA ARG A 344 -10.08 -6.76 0.53
C ARG A 344 -8.77 -7.39 0.84
N ILE A 345 -8.40 -7.36 2.13
CA ILE A 345 -7.34 -8.30 2.56
C ILE A 345 -7.85 -9.00 3.80
N PRO A 346 -8.14 -10.33 3.71
CA PRO A 346 -8.46 -11.04 4.94
C PRO A 346 -7.17 -11.33 5.70
N SER A 347 -7.34 -11.51 7.02
CA SER A 347 -6.22 -11.82 7.91
C SER A 347 -6.57 -13.12 8.67
N THR A 348 -5.61 -14.00 8.80
CA THR A 348 -5.84 -15.20 9.56
C THR A 348 -5.95 -14.76 11.01
N VAL A 349 -6.94 -15.30 11.70
CA VAL A 349 -7.08 -14.97 13.13
C VAL A 349 -6.35 -16.04 13.93
N ILE A 350 -5.12 -15.69 14.32
CA ILE A 350 -4.05 -16.64 14.71
C ILE A 350 -4.21 -17.17 16.11
N GLY A 351 -4.80 -16.35 16.97
CA GLY A 351 -5.08 -16.70 18.38
C GLY A 351 -6.47 -17.17 18.76
N ASN A 352 -7.43 -17.04 17.85
CA ASN A 352 -8.81 -17.45 18.12
C ASN A 352 -9.11 -18.58 17.15
N SER A 353 -9.62 -19.73 17.68
CA SER A 353 -10.12 -20.80 16.78
C SER A 353 -11.64 -20.73 16.40
N ASN A 354 -12.43 -19.90 17.10
CA ASN A 354 -13.84 -19.67 16.70
C ASN A 354 -14.00 -19.01 15.31
N TYR A 355 -13.02 -18.21 14.91
CA TYR A 355 -13.15 -17.45 13.66
C TYR A 355 -11.89 -17.71 12.89
N ASN A 356 -12.00 -18.06 11.62
CA ASN A 356 -10.78 -18.32 10.85
C ASN A 356 -10.15 -17.03 10.39
N LEU A 357 -11.04 -16.07 10.02
CA LEU A 357 -10.64 -14.86 9.25
C LEU A 357 -11.22 -13.60 9.84
N LEU A 358 -10.38 -12.53 9.83
CA LEU A 358 -10.85 -11.16 9.96
C LEU A 358 -11.08 -10.60 8.51
N ASN A 359 -12.27 -10.14 8.18
CA ASN A 359 -12.54 -9.74 6.77
C ASN A 359 -12.34 -8.24 6.63
N ALA A 360 -11.12 -7.80 6.28
CA ALA A 360 -10.89 -6.34 6.37
C ALA A 360 -11.01 -5.62 5.03
N ALA A 361 -11.68 -4.48 5.00
CA ALA A 361 -11.66 -3.63 3.79
C ALA A 361 -10.68 -2.46 3.98
N TYR A 362 -9.93 -2.11 2.92
CA TYR A 362 -8.88 -1.10 2.97
C TYR A 362 -9.27 0.01 2.03
N VAL A 363 -9.33 1.22 2.53
CA VAL A 363 -9.74 2.36 1.68
C VAL A 363 -8.69 2.51 0.59
N HIS A 364 -9.10 2.69 -0.69
CA HIS A 364 -8.18 2.69 -1.80
C HIS A 364 -8.19 4.13 -2.33
N TYR A 365 -8.25 4.34 -3.65
CA TYR A 365 -8.33 5.75 -4.20
C TYR A 365 -9.77 6.17 -4.23
N TYR A 366 -9.99 7.49 -4.23
CA TYR A 366 -11.28 8.02 -4.41
C TYR A 366 -11.13 9.46 -4.98
N ALA A 367 -12.27 10.08 -5.26
CA ALA A 367 -12.37 11.53 -5.51
C ALA A 367 -13.83 11.95 -5.40
N ALA A 368 -14.00 13.13 -4.77
CA ALA A 368 -15.26 13.81 -4.55
C ALA A 368 -15.21 15.21 -5.20
N THR A 369 -16.14 15.47 -6.14
CA THR A 369 -16.34 16.84 -6.72
C THR A 369 -17.76 17.34 -6.43
N SER A 370 -18.70 16.47 -6.11
CA SER A 370 -20.10 16.91 -5.99
C SER A 370 -20.59 16.81 -4.56
N ILE A 371 -19.88 16.06 -3.71
CA ILE A 371 -20.37 15.90 -2.32
C ILE A 371 -19.24 15.93 -1.35
N PRO A 372 -19.51 16.28 -0.08
CA PRO A 372 -18.41 16.20 0.89
C PRO A 372 -17.82 14.82 0.94
N LEU A 373 -16.52 14.76 1.14
CA LEU A 373 -15.87 13.49 1.26
C LEU A 373 -16.46 12.54 2.36
N HIS A 374 -16.90 13.08 3.49
CA HIS A 374 -17.44 12.15 4.55
C HIS A 374 -18.71 11.49 4.04
N GLN A 375 -19.45 12.20 3.17
CA GLN A 375 -20.69 11.63 2.65
C GLN A 375 -20.39 10.51 1.63
N LEU A 376 -19.30 10.70 0.88
CA LEU A 376 -18.90 9.72 -0.11
C LEU A 376 -18.48 8.44 0.60
N ILE A 377 -17.66 8.59 1.65
CA ILE A 377 -17.00 7.44 2.30
C ILE A 377 -17.94 6.76 3.26
N LEU A 378 -18.96 7.49 3.70
CA LEU A 378 -20.04 6.82 4.39
C LEU A 378 -20.64 5.73 3.50
N ASP A 379 -20.87 6.01 2.21
CA ASP A 379 -21.34 4.92 1.37
C ASP A 379 -20.37 3.74 1.25
N LEU A 380 -19.07 4.04 1.14
CA LEU A 380 -18.02 3.05 1.28
C LEU A 380 -18.25 2.18 2.51
N LEU A 381 -18.44 2.80 3.68
CA LEU A 381 -18.63 1.94 4.88
C LEU A 381 -19.89 1.03 4.80
N ILE A 382 -20.95 1.60 4.24
CA ILE A 382 -22.27 0.91 4.11
C ILE A 382 -22.13 -0.30 3.20
N VAL A 383 -21.52 -0.08 2.03
CA VAL A 383 -21.26 -1.19 1.11
C VAL A 383 -20.37 -2.29 1.77
N ALA A 384 -19.29 -1.87 2.40
CA ALA A 384 -18.36 -2.82 2.98
C ALA A 384 -19.10 -3.63 4.06
N HIS A 385 -19.89 -2.93 4.87
CA HIS A 385 -20.63 -3.63 5.90
C HIS A 385 -21.63 -4.61 5.29
N SER A 386 -22.33 -4.10 4.27
CA SER A 386 -23.33 -4.87 3.62
C SER A 386 -22.77 -6.16 3.01
N ARG A 387 -21.49 -6.12 2.60
CA ARG A 387 -20.86 -7.23 1.90
C ARG A 387 -20.14 -8.14 2.92
N GLY A 388 -20.34 -7.90 4.20
CA GLY A 388 -19.84 -8.79 5.22
C GLY A 388 -18.43 -8.48 5.69
N PHE A 389 -17.90 -7.29 5.42
CA PHE A 389 -16.57 -6.94 5.93
C PHE A 389 -16.61 -6.64 7.43
N ASP A 390 -15.54 -6.98 8.12
CA ASP A 390 -15.55 -6.77 9.57
C ASP A 390 -15.05 -5.42 10.03
N VAL A 391 -14.17 -4.76 9.26
CA VAL A 391 -13.56 -3.53 9.74
C VAL A 391 -13.07 -2.84 8.47
N CYS A 392 -12.92 -1.52 8.54
CA CYS A 392 -12.44 -0.78 7.37
C CYS A 392 -11.21 -0.09 7.90
N ASN A 393 -10.07 -0.35 7.23
CA ASN A 393 -8.76 0.16 7.60
C ASN A 393 -8.26 1.20 6.58
N MET A 394 -7.42 2.12 7.01
CA MET A 394 -6.76 3.06 6.07
C MET A 394 -5.59 3.70 6.84
N VAL A 395 -4.73 4.40 6.10
CA VAL A 395 -3.65 5.21 6.69
C VAL A 395 -4.00 6.67 6.36
N GLU A 396 -3.55 7.58 7.19
CA GLU A 396 -3.94 8.96 7.11
C GLU A 396 -3.28 9.69 5.96
N ILE A 397 -3.21 9.05 4.80
CA ILE A 397 -2.72 9.74 3.57
C ILE A 397 -3.92 10.38 2.88
N LEU A 398 -3.69 10.91 1.67
CA LEU A 398 -4.74 11.59 0.96
C LEU A 398 -5.45 12.61 1.84
N ASP A 399 -6.76 12.74 1.65
CA ASP A 399 -7.58 13.52 2.62
C ASP A 399 -8.30 12.60 3.63
N ASN A 400 -7.73 11.44 3.88
CA ASN A 400 -8.33 10.49 4.85
C ASN A 400 -8.64 11.03 6.26
N ARG A 401 -7.80 11.92 6.78
CA ARG A 401 -8.11 12.60 8.08
C ARG A 401 -9.43 13.36 8.08
N SER A 402 -9.87 13.80 6.88
CA SER A 402 -11.04 14.69 6.80
C SER A 402 -12.38 14.01 7.16
N PHE A 403 -12.39 12.68 7.30
CA PHE A 403 -13.60 11.97 7.63
C PHE A 403 -13.46 11.02 8.87
N VAL A 404 -12.34 11.04 9.54
CA VAL A 404 -12.02 10.11 10.68
C VAL A 404 -13.04 10.25 11.77
N GLU A 405 -13.24 11.51 12.21
CA GLU A 405 -14.13 11.77 13.36
C GLU A 405 -15.56 11.52 13.03
N GLN A 406 -16.03 12.07 11.93
CA GLN A 406 -17.42 11.91 11.67
C GLN A 406 -17.84 10.49 11.32
N LEU A 407 -16.94 9.75 10.68
CA LEU A 407 -17.22 8.36 10.37
C LEU A 407 -16.68 7.37 11.47
N LYS A 408 -16.22 7.92 12.62
CA LYS A 408 -15.90 7.08 13.80
C LYS A 408 -14.78 6.07 13.53
N PHE A 409 -13.74 6.53 12.80
CA PHE A 409 -12.50 5.71 12.67
C PHE A 409 -11.73 6.01 13.94
N GLY A 410 -11.07 4.98 14.47
CA GLY A 410 -10.14 5.21 15.58
C GLY A 410 -8.71 4.93 15.15
N ALA A 411 -7.77 5.76 15.61
CA ALA A 411 -6.32 5.48 15.40
C ALA A 411 -5.96 4.08 15.91
N GLY A 412 -5.12 3.34 15.15
CA GLY A 412 -4.63 2.08 15.61
C GLY A 412 -3.24 2.15 16.23
N ASP A 413 -2.67 0.99 16.52
CA ASP A 413 -1.27 0.89 16.92
C ASP A 413 -0.27 1.13 15.76
N GLY A 414 -0.64 0.72 14.54
CA GLY A 414 0.33 0.70 13.44
C GLY A 414 0.65 2.07 12.82
N HIS A 415 1.78 2.16 12.14
CA HIS A 415 2.14 3.30 11.33
C HIS A 415 2.63 2.73 10.00
N LEU A 416 2.30 3.42 8.93
CA LEU A 416 2.87 3.11 7.64
C LEU A 416 3.93 4.15 7.29
N ARG A 417 5.10 3.68 6.97
CA ARG A 417 6.24 4.52 6.70
C ARG A 417 6.50 4.41 5.21
N TYR A 418 6.68 5.55 4.62
CA TYR A 418 7.00 5.63 3.17
C TYR A 418 8.48 5.90 2.92
N TYR A 419 9.09 5.20 1.95
CA TYR A 419 10.54 5.27 1.74
C TYR A 419 10.82 5.36 0.25
N PHE A 420 11.92 5.99 -0.12
CA PHE A 420 12.48 5.83 -1.46
C PHE A 420 13.80 5.15 -1.40
N TYR A 421 14.10 4.38 -2.46
CA TYR A 421 15.43 3.93 -2.72
C TYR A 421 16.13 4.82 -3.77
N ASN A 422 17.35 5.26 -3.46
CA ASN A 422 18.16 6.12 -4.32
C ASN A 422 17.39 7.41 -4.71
N TRP A 423 16.76 8.06 -3.74
CA TRP A 423 16.08 9.33 -4.03
C TRP A 423 16.11 10.17 -2.75
N ALA A 424 16.85 11.28 -2.73
CA ALA A 424 16.82 12.22 -1.62
C ALA A 424 15.46 12.88 -1.69
N TYR A 425 14.78 12.99 -0.54
CA TYR A 425 13.45 13.58 -0.52
C TYR A 425 13.26 14.24 0.85
N PRO A 426 12.79 15.53 0.88
CA PRO A 426 12.48 16.20 2.17
C PRO A 426 11.30 15.53 2.90
N LYS A 427 11.23 15.73 4.19
CA LYS A 427 10.16 15.18 5.00
C LYS A 427 8.88 15.88 4.54
N ILE A 428 7.80 15.09 4.33
CA ILE A 428 6.49 15.66 4.06
C ILE A 428 5.45 15.05 4.99
N LYS A 429 4.37 15.78 5.20
CA LYS A 429 3.23 15.25 5.94
C LYS A 429 2.59 14.07 5.16
N PRO A 430 1.92 13.14 5.91
CA PRO A 430 1.25 12.04 5.20
C PRO A 430 0.06 12.55 4.37
N SER A 431 -0.51 13.68 4.76
CA SER A 431 -1.55 14.29 3.96
C SER A 431 -1.06 14.91 2.64
N GLN A 432 0.25 14.80 2.38
CA GLN A 432 0.81 15.20 1.07
C GLN A 432 1.24 13.95 0.22
N VAL A 433 0.81 12.75 0.68
CA VAL A 433 1.13 11.46 0.00
C VAL A 433 -0.16 10.96 -0.61
N ALA A 434 -0.10 10.67 -1.91
CA ALA A 434 -1.31 10.25 -2.63
C ALA A 434 -1.11 8.84 -3.17
N LEU A 435 -0.06 8.14 -2.69
CA LEU A 435 0.20 6.79 -3.18
C LEU A 435 -0.29 5.74 -2.20
N VAL A 436 -1.25 4.95 -2.63
CA VAL A 436 -1.77 3.84 -1.83
C VAL A 436 -0.96 2.63 -2.09
N MET A 437 -0.43 1.97 -1.03
CA MET A 437 0.27 0.72 -1.31
C MET A 437 -0.57 -0.49 -0.92
N LEU A 438 -0.47 -1.59 -1.64
CA LEU A 438 -1.42 -2.71 -1.42
C LEU A 438 -0.94 -3.66 -0.33
CAL M9M B . 3.78 -2.96 4.59
CAN M9M B . 3.63 -3.81 3.33
NBB M9M B . 2.44 -3.39 2.56
CAB M9M B . 2.74 -2.32 1.61
CAO M9M B . 1.14 -3.29 3.32
CAM M9M B . 1.29 -2.86 4.81
CBA M9M B . 2.62 -3.41 5.42
CAK M9M B . 2.87 -2.98 6.81
CAI M9M B . 1.58 -2.80 7.65
CAH M9M B . 1.95 -2.77 9.15
CAJ M9M B . 0.71 -2.30 9.96
CAW M9M B . -0.37 -3.41 9.93
CAG M9M B . -0.06 -4.68 10.41
CAD M9M B . -1.67 -3.15 9.44
CAE M9M B . -2.64 -4.15 9.44
CAZ M9M B . -2.31 -5.44 9.93
CAY M9M B . -1.02 -5.70 10.40
OAS M9M B . -0.69 -6.99 10.83
CAP M9M B . -1.34 -8.03 10.04
CAU M9M B . -2.73 -7.85 9.94
OAC M9M B . -3.52 -8.80 9.96
NBC M9M B . -3.23 -6.53 9.91
CAQ M9M B . -4.69 -6.29 9.87
CAX M9M B . -4.98 -5.52 11.14
CAF M9M B . -4.59 -5.94 12.36
CAV M9M B . -4.97 -5.05 13.27
CAA M9M B . -4.72 -5.16 14.81
OAT M9M B . -5.62 -4.04 12.64
NAR M9M B . -5.60 -4.35 11.23
S1 MYA C . 7.40 -4.47 4.15
C2 MYA C . 6.76 -6.06 4.68
C3 MYA C . 7.94 -6.88 5.23
N4 MYA C . 7.54 -8.29 5.40
C5 MYA C . 7.26 -8.77 6.60
O5 MYA C . 7.38 -8.05 7.60
C6 MYA C . 6.88 -10.20 6.72
C7 MYA C . 7.39 -10.75 8.05
N8 MYA C . 8.85 -10.69 8.07
C9 MYA C . 9.74 -11.32 7.28
O9 MYA C . 9.39 -12.10 6.40
C10 MYA C . 11.19 -11.06 7.57
O10 MYA C . 11.32 -10.63 8.93
C11 MYA C . 11.78 -9.92 6.73
C12 MYA C . 13.19 -9.62 7.28
C13 MYA C . 10.89 -8.63 6.79
C14 MYA C . 11.93 -10.43 5.28
N1A MYA C . 12.26 -3.89 4.70
O1A MYA C . 18.47 -11.22 8.88
P1A MYA C . 17.45 -10.76 7.84
C1X MYA C . 16.46 -5.36 7.35
C2A MYA C . 13.56 -3.66 4.41
O2A MYA C . 17.16 -11.65 6.70
P2A MYA C . 14.74 -11.31 8.59
C2M MYA C . 7.76 -4.66 2.52
O2M MYA C . 7.39 -5.64 1.83
C2X MYA C . 16.99 -5.17 8.78
O2X MYA C . 16.87 -3.81 9.18
N3A MYA C . 14.52 -4.08 5.23
O3A MYA C . 16.10 -10.42 8.63
C3M MYA C . 8.65 -3.54 1.91
C3X MYA C . 18.38 -5.74 8.69
O3X MYA C . 19.26 -4.90 7.94
P3X MYA C . 20.32 -4.04 8.76
C4A MYA C . 14.20 -4.82 6.35
O4A MYA C . 13.88 -10.84 9.75
C4M MYA C . 10.06 -4.13 1.71
C4X MYA C . 18.19 -6.93 7.76
O4X MYA C . 16.97 -6.63 7.05
C5A MYA C . 12.88 -5.07 6.66
O5A MYA C . 15.01 -12.76 8.41
C5M MYA C . 11.03 -3.14 1.06
C5X MYA C . 18.04 -8.26 8.48
O5X MYA C . 17.83 -9.26 7.48
C6A MYA C . 11.89 -4.55 5.80
N6A MYA C . 10.55 -4.71 5.97
O6A MYA C . 14.03 -10.76 7.19
C6M MYA C . 12.40 -3.81 0.83
N7A MYA C . 12.87 -5.76 7.84
O7A MYA C . 21.30 -5.15 9.33
C7M MYA C . 13.49 -2.78 0.42
C8A MYA C . 14.16 -5.95 8.22
O8A MYA C . 19.51 -3.19 9.81
C8M MYA C . 13.22 -2.24 -1.02
N9A MYA C . 14.96 -5.37 7.30
O9A MYA C . 21.03 -2.96 7.77
C9M MYA C . 14.44 -1.44 -1.54
CAM MYA C . 14.44 -1.16 -3.06
CBM MYA C . 14.94 -2.34 -3.92
CCM MYA C . 14.71 -1.97 -5.42
CDM MYA C . 15.55 -0.72 -5.84
CEM MYA C . 15.50 -0.54 -7.39
CFM MYA C . 16.12 0.77 -7.90
#